data_5XBC
#
_entry.id   5XBC
#
_cell.length_a   34.709
_cell.length_b   75.053
_cell.length_c   37.363
_cell.angle_alpha   90.00
_cell.angle_beta   89.96
_cell.angle_gamma   90.00
#
_symmetry.space_group_name_H-M   'P 1 21 1'
#
loop_
_entity.id
_entity.type
_entity.pdbx_description
1 polymer 'nsp1 protein'
2 water water
#
_entity_poly.entity_id   1
_entity_poly.type   'polypeptide(L)'
_entity_poly.pdbx_seq_one_letter_code
;ASNQVTLAFANDAEISAFGFCTASEAVSYYSEAAASGFMQCRFVSFDLADTVEGLLPEDYVMVVVGTTKLSAYVDTFGSR
PRNICGWLLFSNCNYFLEELELTFGRRGGLEHHHHHHH
;
_entity_poly.pdbx_strand_id   A,B
#
# COMPACT_ATOMS: atom_id res chain seq x y z
N ALA A 1 4.95 -0.35 12.44
CA ALA A 1 5.07 1.02 11.97
C ALA A 1 5.68 1.09 10.58
N SER A 2 6.94 1.52 10.51
CA SER A 2 7.61 1.75 9.23
C SER A 2 7.79 0.49 8.40
N ASN A 3 7.89 -0.67 9.05
CA ASN A 3 8.04 -1.92 8.31
C ASN A 3 6.70 -2.61 8.06
N GLN A 4 5.61 -1.94 8.43
CA GLN A 4 4.29 -2.50 8.23
C GLN A 4 3.72 -2.05 6.90
N VAL A 5 3.43 -3.01 6.03
CA VAL A 5 2.96 -2.74 4.69
C VAL A 5 1.59 -3.37 4.46
N THR A 6 0.69 -2.62 3.83
CA THR A 6 -0.59 -3.17 3.44
C THR A 6 -0.42 -3.88 2.12
N LEU A 7 -0.72 -5.17 2.11
CA LEU A 7 -0.52 -6.01 0.93
C LEU A 7 -1.81 -6.60 0.40
N ALA A 8 -1.88 -6.70 -0.91
CA ALA A 8 -2.98 -7.37 -1.59
C ALA A 8 -2.69 -8.87 -1.63
N PHE A 9 -3.34 -9.61 -0.72
CA PHE A 9 -3.26 -11.07 -0.71
C PHE A 9 -4.04 -11.64 -1.88
N ALA A 10 -3.39 -12.44 -2.72
CA ALA A 10 -4.05 -13.05 -3.86
C ALA A 10 -5.20 -13.92 -3.43
N ASN A 11 -6.36 -13.69 -4.04
CA ASN A 11 -7.56 -14.45 -3.72
C ASN A 11 -8.35 -14.63 -5.01
N ASP A 12 -7.87 -15.54 -5.84
CA ASP A 12 -8.36 -15.67 -7.20
C ASP A 12 -8.02 -17.10 -7.66
N ALA A 13 -8.92 -17.68 -8.45
CA ALA A 13 -8.71 -19.05 -8.93
C ALA A 13 -7.42 -19.16 -9.73
N GLU A 14 -7.16 -18.13 -10.53
CA GLU A 14 -5.95 -18.10 -11.33
C GLU A 14 -5.15 -16.83 -11.05
N ILE A 15 -3.83 -16.98 -10.90
CA ILE A 15 -2.96 -15.85 -10.62
C ILE A 15 -1.95 -15.68 -11.76
N SER A 16 -2.24 -14.78 -12.67
CA SER A 16 -1.32 -14.51 -13.78
C SER A 16 -0.26 -13.50 -13.31
N ALA A 17 1.00 -13.80 -13.56
CA ALA A 17 2.09 -12.96 -13.06
C ALA A 17 3.20 -12.87 -14.08
N PHE A 18 4.10 -11.90 -13.87
CA PHE A 18 5.38 -11.90 -14.56
C PHE A 18 6.49 -11.68 -13.55
N GLY A 19 7.67 -12.17 -13.89
CA GLY A 19 8.86 -11.98 -13.09
C GLY A 19 9.98 -11.41 -13.93
N PHE A 20 11.22 -11.57 -13.47
CA PHE A 20 12.32 -10.80 -14.03
C PHE A 20 13.48 -11.67 -14.44
N CYS A 21 14.16 -11.23 -15.49
CA CYS A 21 15.26 -11.98 -16.06
C CYS A 21 16.47 -11.97 -15.14
N THR A 22 16.70 -10.86 -14.46
CA THR A 22 17.87 -10.70 -13.61
C THR A 22 17.44 -10.24 -12.22
N ALA A 23 18.28 -10.51 -11.24
CA ALA A 23 18.01 -10.05 -9.88
C ALA A 23 17.98 -8.54 -9.82
N SER A 24 18.90 -7.89 -10.52
CA SER A 24 18.97 -6.43 -10.45
C SER A 24 17.72 -5.76 -11.01
N GLU A 25 17.18 -6.31 -12.10
CA GLU A 25 15.94 -5.79 -12.66
C GLU A 25 14.79 -5.97 -11.67
N ALA A 26 14.71 -7.13 -11.03
CA ALA A 26 13.71 -7.35 -10.00
C ALA A 26 13.86 -6.34 -8.86
N VAL A 27 15.11 -6.13 -8.41
CA VAL A 27 15.31 -5.17 -7.32
C VAL A 27 14.76 -3.79 -7.70
N SER A 28 15.01 -3.36 -8.94
CA SER A 28 14.50 -2.07 -9.40
C SER A 28 12.97 -2.01 -9.38
N TYR A 29 12.33 -3.03 -9.96
CA TYR A 29 10.88 -3.03 -10.06
C TYR A 29 10.19 -3.16 -8.72
N TYR A 30 10.69 -3.99 -7.82
CA TYR A 30 10.07 -4.08 -6.50
C TYR A 30 10.31 -2.82 -5.68
N SER A 31 11.44 -2.15 -5.89
CA SER A 31 11.71 -0.90 -5.19
C SER A 31 10.68 0.16 -5.59
N GLU A 32 10.41 0.29 -6.89
CA GLU A 32 9.42 1.26 -7.33
C GLU A 32 8.03 0.86 -6.86
N ALA A 33 7.72 -0.42 -6.90
CA ALA A 33 6.40 -0.88 -6.49
C ALA A 33 6.17 -0.54 -5.02
N ALA A 34 7.21 -0.72 -4.20
CA ALA A 34 7.14 -0.38 -2.77
C ALA A 34 6.87 1.10 -2.57
N ALA A 35 7.61 1.94 -3.29
CA ALA A 35 7.45 3.39 -3.16
C ALA A 35 6.03 3.82 -3.50
N SER A 36 5.39 3.06 -4.39
CA SER A 36 4.04 3.37 -4.83
C SER A 36 2.96 2.61 -4.06
N GLY A 37 3.34 1.91 -3.00
CA GLY A 37 2.36 1.30 -2.12
C GLY A 37 2.05 -0.16 -2.41
N PHE A 38 2.80 -0.76 -3.32
CA PHE A 38 2.74 -2.20 -3.65
C PHE A 38 1.45 -2.70 -4.33
N MET A 39 0.58 -1.80 -4.77
CA MET A 39 -0.63 -2.21 -5.48
C MET A 39 -0.35 -2.98 -6.79
N GLN A 40 0.88 -2.85 -7.32
CA GLN A 40 1.28 -3.61 -8.51
C GLN A 40 1.53 -5.09 -8.20
N CYS A 41 1.61 -5.43 -6.91
CA CYS A 41 2.01 -6.75 -6.49
C CYS A 41 0.93 -7.45 -5.68
N ARG A 42 1.06 -8.77 -5.57
CA ARG A 42 0.19 -9.62 -4.77
C ARG A 42 1.03 -10.50 -3.87
N PHE A 43 0.61 -10.66 -2.62
CA PHE A 43 1.21 -11.69 -1.79
C PHE A 43 0.56 -13.01 -2.12
N VAL A 44 1.37 -13.95 -2.57
CA VAL A 44 0.90 -15.25 -3.00
C VAL A 44 1.52 -16.28 -2.06
N SER A 45 0.69 -16.90 -1.21
CA SER A 45 1.24 -17.88 -0.27
C SER A 45 1.75 -19.11 -1.04
N PHE A 46 2.73 -19.79 -0.46
CA PHE A 46 3.49 -20.77 -1.22
C PHE A 46 2.65 -21.97 -1.63
N ASP A 47 1.56 -22.23 -0.91
CA ASP A 47 0.63 -23.32 -1.23
C ASP A 47 -0.25 -23.00 -2.44
N LEU A 48 -0.15 -21.79 -2.98
CA LEU A 48 -0.92 -21.39 -4.16
C LEU A 48 -0.06 -21.44 -5.43
N ALA A 49 1.15 -21.98 -5.33
CA ALA A 49 2.08 -21.99 -6.45
C ALA A 49 1.46 -22.60 -7.70
N ASP A 50 0.65 -23.64 -7.51
CA ASP A 50 0.08 -24.39 -8.63
C ASP A 50 -1.00 -23.60 -9.36
N THR A 51 -1.40 -22.45 -8.82
CA THR A 51 -2.39 -21.60 -9.46
C THR A 51 -1.75 -20.41 -10.17
N VAL A 52 -0.43 -20.27 -10.05
CA VAL A 52 0.28 -19.19 -10.72
C VAL A 52 0.58 -19.53 -12.18
N GLU A 53 0.28 -18.60 -13.08
CA GLU A 53 0.54 -18.72 -14.51
C GLU A 53 1.54 -17.67 -14.95
N GLY A 54 2.43 -18.05 -15.86
CA GLY A 54 3.33 -17.10 -16.48
C GLY A 54 4.76 -17.09 -15.96
N LEU A 55 5.02 -17.81 -14.87
CA LEU A 55 6.35 -17.83 -14.27
C LEU A 55 7.05 -19.16 -14.48
N LEU A 56 8.35 -19.07 -14.75
CA LEU A 56 9.20 -20.25 -14.78
C LEU A 56 10.12 -20.23 -13.56
N PRO A 57 10.66 -21.40 -13.19
CA PRO A 57 11.46 -21.45 -11.94
C PRO A 57 12.64 -20.49 -11.90
N GLU A 58 13.22 -20.16 -13.06
CA GLU A 58 14.42 -19.31 -13.08
C GLU A 58 14.10 -17.82 -13.02
N ASP A 59 12.82 -17.46 -13.09
CA ASP A 59 12.40 -16.06 -13.00
C ASP A 59 12.70 -15.49 -11.63
N TYR A 60 13.22 -14.27 -11.59
CA TYR A 60 13.41 -13.60 -10.31
C TYR A 60 12.14 -12.94 -9.82
N VAL A 61 11.87 -13.13 -8.54
CA VAL A 61 10.69 -12.61 -7.86
C VAL A 61 11.14 -12.17 -6.47
N MET A 62 10.20 -11.72 -5.64
CA MET A 62 10.46 -11.41 -4.25
C MET A 62 9.94 -12.54 -3.40
N VAL A 63 10.82 -13.26 -2.70
CA VAL A 63 10.37 -14.36 -1.85
C VAL A 63 10.22 -13.85 -0.42
N VAL A 64 9.26 -14.41 0.30
CA VAL A 64 8.94 -14.02 1.67
C VAL A 64 9.13 -15.25 2.55
N VAL A 65 9.88 -15.09 3.65
CA VAL A 65 10.22 -16.22 4.53
C VAL A 65 10.00 -15.87 5.99
N GLY A 66 9.77 -16.89 6.81
CA GLY A 66 9.79 -16.76 8.25
C GLY A 66 8.67 -17.51 8.93
N THR A 67 9.01 -18.20 10.02
CA THR A 67 7.97 -18.86 10.82
C THR A 67 7.30 -17.89 11.78
N THR A 68 8.01 -16.83 12.16
CA THR A 68 7.43 -15.77 12.96
C THR A 68 7.59 -14.42 12.25
N LYS A 69 8.63 -13.68 12.57
CA LYS A 69 8.92 -12.43 11.86
C LYS A 69 9.35 -12.71 10.41
N LEU A 70 8.96 -11.82 9.50
CA LEU A 70 9.09 -12.04 8.08
C LEU A 70 10.21 -11.24 7.44
N SER A 71 10.88 -11.91 6.51
CA SER A 71 11.92 -11.30 5.68
C SER A 71 11.53 -11.48 4.23
N ALA A 72 11.96 -10.55 3.39
CA ALA A 72 11.70 -10.63 1.96
C ALA A 72 12.96 -10.23 1.21
N TYR A 73 13.24 -10.95 0.11
CA TYR A 73 14.40 -10.65 -0.71
C TYR A 73 14.20 -11.23 -2.10
N VAL A 74 14.95 -10.72 -3.06
CA VAL A 74 14.85 -11.19 -4.45
C VAL A 74 15.59 -12.53 -4.61
N ASP A 75 14.92 -13.48 -5.23
CA ASP A 75 15.51 -14.77 -5.55
C ASP A 75 14.67 -15.40 -6.65
N THR A 76 15.09 -16.55 -7.16
CA THR A 76 14.31 -17.22 -8.19
C THR A 76 13.02 -17.85 -7.63
N PHE A 77 12.00 -17.90 -8.47
CA PHE A 77 10.70 -18.49 -8.13
C PHE A 77 10.83 -19.96 -7.70
N GLY A 78 11.80 -20.67 -8.27
CA GLY A 78 12.01 -22.07 -7.96
C GLY A 78 12.71 -22.32 -6.65
N SER A 79 13.31 -21.28 -6.06
CA SER A 79 14.02 -21.43 -4.79
C SER A 79 13.08 -21.85 -3.68
N ARG A 80 13.58 -22.68 -2.76
CA ARG A 80 12.78 -23.18 -1.65
C ARG A 80 13.53 -22.98 -0.34
N PRO A 81 13.63 -21.72 0.12
CA PRO A 81 14.30 -21.44 1.38
C PRO A 81 13.54 -21.99 2.57
N ARG A 82 14.26 -22.16 3.68
CA ARG A 82 13.67 -22.48 4.97
C ARG A 82 12.50 -21.56 5.29
N ASN A 83 11.39 -22.16 5.72
CA ASN A 83 10.22 -21.41 6.19
C ASN A 83 9.64 -20.46 5.16
N ILE A 84 9.68 -20.87 3.90
CA ILE A 84 9.09 -20.05 2.86
C ILE A 84 7.62 -19.78 3.18
N CYS A 85 7.21 -18.53 3.03
CA CYS A 85 5.81 -18.14 3.16
C CYS A 85 5.11 -18.01 1.82
N GLY A 86 5.86 -17.56 0.83
CA GLY A 86 5.28 -17.29 -0.48
C GLY A 86 6.08 -16.21 -1.16
N TRP A 87 5.41 -15.45 -2.01
CA TRP A 87 6.08 -14.46 -2.85
C TRP A 87 5.27 -13.19 -2.95
N LEU A 88 5.96 -12.09 -3.26
CA LEU A 88 5.27 -10.92 -3.80
C LEU A 88 5.47 -10.98 -5.30
N LEU A 89 4.37 -11.09 -6.05
CA LEU A 89 4.38 -11.24 -7.50
C LEU A 89 3.69 -10.07 -8.17
N PHE A 90 4.21 -9.66 -9.32
CA PHE A 90 3.51 -8.67 -10.13
C PHE A 90 2.32 -9.34 -10.81
N SER A 91 1.12 -8.94 -10.39
CA SER A 91 -0.12 -9.58 -10.82
C SER A 91 -1.28 -8.63 -10.57
N ASN A 92 -2.32 -8.74 -11.40
CA ASN A 92 -3.55 -7.97 -11.23
C ASN A 92 -4.73 -8.79 -10.69
N CYS A 93 -4.46 -9.97 -10.14
CA CYS A 93 -5.54 -10.84 -9.70
C CYS A 93 -6.37 -10.22 -8.57
N ASN A 94 -7.56 -10.77 -8.35
CA ASN A 94 -8.39 -10.36 -7.22
C ASN A 94 -7.69 -10.60 -5.90
N TYR A 95 -8.05 -9.82 -4.90
CA TYR A 95 -7.34 -9.82 -3.64
C TYR A 95 -8.20 -9.39 -2.46
N PHE A 96 -7.68 -9.67 -1.25
CA PHE A 96 -8.14 -8.96 -0.06
C PHE A 96 -6.89 -8.37 0.60
N LEU A 97 -7.07 -7.40 1.49
CA LEU A 97 -5.94 -6.68 2.07
C LEU A 97 -5.60 -7.09 3.51
N GLU A 98 -4.32 -7.23 3.78
CA GLU A 98 -3.81 -7.51 5.11
C GLU A 98 -2.52 -6.75 5.29
N GLU A 99 -2.20 -6.39 6.52
CA GLU A 99 -0.93 -5.74 6.81
C GLU A 99 0.08 -6.75 7.34
N LEU A 100 1.29 -6.70 6.79
CA LEU A 100 2.38 -7.54 7.28
C LEU A 100 3.55 -6.66 7.68
N GLU A 101 4.22 -7.02 8.76
CA GLU A 101 5.52 -6.42 9.05
C GLU A 101 6.55 -7.23 8.28
N LEU A 102 7.31 -6.55 7.45
CA LEU A 102 8.23 -7.21 6.52
C LEU A 102 9.57 -6.48 6.49
N THR A 103 10.66 -7.21 6.70
CA THR A 103 11.99 -6.66 6.49
C THR A 103 12.44 -7.02 5.08
N PHE A 104 12.70 -6.01 4.26
CA PHE A 104 13.23 -6.22 2.92
C PHE A 104 14.74 -6.13 2.95
N GLY A 105 15.41 -7.09 2.32
CA GLY A 105 16.85 -7.06 2.27
C GLY A 105 17.40 -7.81 1.09
N ARG A 106 18.69 -8.12 1.16
CA ARG A 106 19.40 -8.79 0.08
C ARG A 106 20.02 -10.08 0.61
N ARG A 107 19.89 -11.16 -0.14
CA ARG A 107 20.50 -12.44 0.22
C ARG A 107 21.33 -13.06 -0.89
N GLY A 108 21.00 -12.77 -2.15
CA GLY A 108 21.63 -13.48 -3.25
C GLY A 108 23.08 -13.13 -3.54
N GLY A 109 23.83 -14.08 -4.08
CA GLY A 109 25.15 -13.79 -4.63
C GLY A 109 26.24 -13.43 -3.63
N LEU A 110 26.15 -13.98 -2.43
CA LEU A 110 27.16 -13.73 -1.40
C LEU A 110 28.09 -14.90 -1.17
N GLU A 111 27.84 -16.03 -1.83
CA GLU A 111 28.65 -17.23 -1.60
C GLU A 111 29.27 -17.74 -2.90
N HIS A 112 30.60 -17.83 -2.93
CA HIS A 112 31.30 -18.41 -4.08
C HIS A 112 31.34 -19.93 -4.03
N HIS A 113 31.38 -20.48 -2.82
CA HIS A 113 31.49 -21.93 -2.64
C HIS A 113 30.15 -22.52 -2.28
N HIS A 114 30.00 -23.83 -2.46
CA HIS A 114 28.75 -24.49 -2.08
C HIS A 114 28.77 -24.94 -0.63
N HIS A 115 27.64 -24.80 0.03
CA HIS A 115 27.53 -25.17 1.43
C HIS A 115 26.20 -25.83 1.74
N HIS A 116 26.19 -26.71 2.74
CA HIS A 116 24.95 -27.15 3.34
C HIS A 116 24.54 -26.15 4.42
N HIS A 117 23.35 -25.58 4.27
CA HIS A 117 22.85 -24.61 5.24
C HIS A 117 21.93 -25.27 6.26
N ALA B 1 -16.75 6.74 21.84
CA ALA B 1 -17.63 7.19 20.76
C ALA B 1 -17.24 6.54 19.43
N SER B 2 -18.21 5.95 18.75
CA SER B 2 -17.94 5.10 17.60
C SER B 2 -17.27 5.81 16.42
N ASN B 3 -17.53 7.10 16.26
CA ASN B 3 -16.95 7.84 15.13
C ASN B 3 -15.69 8.60 15.53
N GLN B 4 -15.24 8.37 16.76
CA GLN B 4 -14.03 9.00 17.27
C GLN B 4 -12.82 8.12 16.96
N VAL B 5 -11.88 8.67 16.18
CA VAL B 5 -10.72 7.93 15.75
C VAL B 5 -9.42 8.61 16.19
N THR B 6 -8.48 7.82 16.68
CA THR B 6 -7.17 8.36 17.01
C THR B 6 -6.34 8.38 15.74
N LEU B 7 -5.89 9.58 15.36
CA LEU B 7 -5.14 9.76 14.12
C LEU B 7 -3.74 10.28 14.37
N ALA B 8 -2.82 9.82 13.53
CA ALA B 8 -1.45 10.30 13.51
C ALA B 8 -1.40 11.56 12.64
N PHE B 9 -1.36 12.72 13.30
CA PHE B 9 -1.19 14.01 12.62
C PHE B 9 0.24 14.15 12.14
N ALA B 10 0.42 14.36 10.84
CA ALA B 10 1.76 14.51 10.28
C ALA B 10 2.50 15.67 10.94
N ASN B 11 3.72 15.39 11.37
CA ASN B 11 4.56 16.39 11.99
C ASN B 11 6.01 16.13 11.60
N ASP B 12 6.33 16.53 10.37
CA ASP B 12 7.58 16.15 9.74
C ASP B 12 7.85 17.13 8.61
N ALA B 13 9.13 17.44 8.39
CA ALA B 13 9.51 18.40 7.36
C ALA B 13 9.06 17.93 5.97
N GLU B 14 9.23 16.65 5.71
CA GLU B 14 8.79 16.07 4.44
C GLU B 14 7.80 14.94 4.71
N ILE B 15 6.73 14.92 3.93
CA ILE B 15 5.73 13.89 4.07
C ILE B 15 5.67 13.08 2.79
N SER B 16 6.31 11.92 2.78
CA SER B 16 6.28 11.06 1.60
C SER B 16 5.02 10.20 1.66
N ALA B 17 4.28 10.14 0.57
CA ALA B 17 3.01 9.42 0.55
C ALA B 17 2.81 8.69 -0.76
N PHE B 18 1.84 7.78 -0.78
CA PHE B 18 1.32 7.26 -2.03
C PHE B 18 -0.19 7.31 -2.01
N GLY B 19 -0.77 7.43 -3.20
CA GLY B 19 -2.20 7.38 -3.36
C GLY B 19 -2.61 6.32 -4.36
N PHE B 20 -3.80 6.45 -4.92
CA PHE B 20 -4.41 5.35 -5.66
C PHE B 20 -4.86 5.75 -7.04
N CYS B 21 -4.78 4.79 -7.95
CA CYS B 21 -5.12 5.03 -9.34
C CYS B 21 -6.62 5.21 -9.53
N THR B 22 -7.41 4.47 -8.77
CA THR B 22 -8.87 4.51 -8.89
C THR B 22 -9.51 4.78 -7.54
N ALA B 23 -10.73 5.32 -7.57
CA ALA B 23 -11.47 5.53 -6.33
C ALA B 23 -11.74 4.21 -5.61
N SER B 24 -12.10 3.17 -6.37
CA SER B 24 -12.44 1.91 -5.74
C SER B 24 -11.25 1.28 -5.01
N GLU B 25 -10.07 1.39 -5.59
CA GLU B 25 -8.86 0.92 -4.93
C GLU B 25 -8.61 1.69 -3.63
N ALA B 26 -8.77 3.02 -3.68
CA ALA B 26 -8.63 3.82 -2.48
C ALA B 26 -9.64 3.39 -1.42
N VAL B 27 -10.89 3.18 -1.82
CA VAL B 27 -11.90 2.77 -0.87
C VAL B 27 -11.48 1.47 -0.14
N SER B 28 -10.97 0.51 -0.90
CA SER B 28 -10.49 -0.74 -0.31
C SER B 28 -9.36 -0.53 0.70
N TYR B 29 -8.36 0.24 0.30
CA TYR B 29 -7.19 0.43 1.15
C TYR B 29 -7.51 1.24 2.40
N TYR B 30 -8.33 2.29 2.28
CA TYR B 30 -8.67 3.05 3.48
C TYR B 30 -9.59 2.25 4.41
N SER B 31 -10.42 1.39 3.83
CA SER B 31 -11.27 0.53 4.65
C SER B 31 -10.44 -0.42 5.50
N GLU B 32 -9.43 -1.05 4.91
CA GLU B 32 -8.56 -1.92 5.68
C GLU B 32 -7.76 -1.12 6.70
N ALA B 33 -7.28 0.05 6.32
CA ALA B 33 -6.47 0.84 7.24
C ALA B 33 -7.29 1.21 8.46
N ALA B 34 -8.57 1.53 8.23
CA ALA B 34 -9.48 1.88 9.33
C ALA B 34 -9.67 0.69 10.26
N ALA B 35 -9.88 -0.49 9.70
CA ALA B 35 -10.10 -1.69 10.50
C ALA B 35 -8.90 -1.97 11.39
N SER B 36 -7.72 -1.57 10.93
CA SER B 36 -6.48 -1.80 11.64
C SER B 36 -6.04 -0.61 12.49
N GLY B 37 -6.88 0.41 12.60
CA GLY B 37 -6.60 1.50 13.52
C GLY B 37 -5.94 2.72 12.91
N PHE B 38 -5.82 2.71 11.59
CA PHE B 38 -5.33 3.86 10.80
C PHE B 38 -3.84 4.22 10.96
N MET B 39 -3.05 3.37 11.63
CA MET B 39 -1.61 3.63 11.76
C MET B 39 -0.86 3.70 10.43
N GLN B 40 -1.46 3.16 9.36
CA GLN B 40 -0.90 3.25 8.02
C GLN B 40 -1.02 4.64 7.42
N CYS B 41 -1.82 5.50 8.05
CA CYS B 41 -2.19 6.78 7.47
C CYS B 41 -1.78 7.93 8.37
N ARG B 42 -1.72 9.12 7.78
CA ARG B 42 -1.43 10.35 8.49
C ARG B 42 -2.49 11.38 8.14
N PHE B 43 -2.95 12.14 9.13
CA PHE B 43 -3.75 13.32 8.83
C PHE B 43 -2.82 14.46 8.46
N VAL B 44 -2.98 14.94 7.25
CA VAL B 44 -2.15 16.00 6.71
C VAL B 44 -3.03 17.22 6.49
N SER B 45 -2.85 18.27 7.28
CA SER B 45 -3.69 19.46 7.11
C SER B 45 -3.38 20.12 5.75
N PHE B 46 -4.36 20.82 5.20
CA PHE B 46 -4.30 21.21 3.80
C PHE B 46 -3.19 22.23 3.54
N ASP B 47 -2.79 22.94 4.60
CA ASP B 47 -1.72 23.93 4.50
C ASP B 47 -0.33 23.29 4.44
N LEU B 48 -0.27 21.97 4.56
CA LEU B 48 1.00 21.23 4.46
C LEU B 48 1.19 20.60 3.09
N ALA B 49 0.30 20.90 2.15
CA ALA B 49 0.34 20.25 0.84
C ALA B 49 1.71 20.38 0.17
N ASP B 50 2.37 21.52 0.37
CA ASP B 50 3.64 21.79 -0.30
C ASP B 50 4.78 20.95 0.26
N THR B 51 4.52 20.25 1.36
CA THR B 51 5.53 19.37 1.96
C THR B 51 5.29 17.91 1.60
N VAL B 52 4.21 17.63 0.89
CA VAL B 52 3.91 16.25 0.49
C VAL B 52 4.69 15.87 -0.77
N GLU B 53 5.32 14.70 -0.74
CA GLU B 53 6.08 14.16 -1.85
C GLU B 53 5.44 12.86 -2.32
N GLY B 54 5.41 12.66 -3.64
CA GLY B 54 4.96 11.40 -4.21
C GLY B 54 3.57 11.37 -4.79
N LEU B 55 2.80 12.42 -4.57
CA LEU B 55 1.42 12.48 -5.06
C LEU B 55 1.25 13.44 -6.22
N LEU B 56 0.44 13.03 -7.18
CA LEU B 56 0.01 13.92 -8.26
C LEU B 56 -1.46 14.27 -8.05
N PRO B 57 -1.93 15.37 -8.67
CA PRO B 57 -3.31 15.81 -8.41
C PRO B 57 -4.39 14.79 -8.71
N GLU B 58 -4.13 13.89 -9.67
CA GLU B 58 -5.14 12.93 -10.09
C GLU B 58 -5.21 11.69 -9.19
N ASP B 59 -4.25 11.56 -8.27
CA ASP B 59 -4.25 10.42 -7.35
C ASP B 59 -5.45 10.47 -6.41
N TYR B 60 -6.07 9.33 -6.18
CA TYR B 60 -7.15 9.25 -5.20
C TYR B 60 -6.61 9.10 -3.80
N VAL B 61 -7.19 9.87 -2.89
CA VAL B 61 -6.84 9.91 -1.48
C VAL B 61 -8.14 10.04 -0.69
N MET B 62 -8.04 10.16 0.63
CA MET B 62 -9.18 10.43 1.48
C MET B 62 -9.13 11.90 1.86
N VAL B 63 -10.11 12.69 1.44
CA VAL B 63 -10.12 14.11 1.80
C VAL B 63 -11.02 14.30 3.02
N VAL B 64 -10.66 15.28 3.84
CA VAL B 64 -11.37 15.59 5.09
C VAL B 64 -11.87 17.01 4.99
N VAL B 65 -13.16 17.23 5.27
CA VAL B 65 -13.78 18.54 5.13
C VAL B 65 -14.61 18.89 6.36
N GLY B 66 -14.78 20.19 6.58
CA GLY B 66 -15.76 20.68 7.53
C GLY B 66 -15.24 21.84 8.36
N THR B 67 -16.07 22.87 8.52
CA THR B 67 -15.71 23.98 9.40
C THR B 67 -15.99 23.65 10.85
N THR B 68 -16.92 22.74 11.10
CA THR B 68 -17.15 22.27 12.46
C THR B 68 -17.02 20.74 12.50
N LYS B 69 -18.13 20.04 12.35
CA LYS B 69 -18.06 18.58 12.30
C LYS B 69 -17.47 18.12 10.97
N LEU B 70 -16.75 17.00 11.03
CA LEU B 70 -15.90 16.57 9.93
C LEU B 70 -16.46 15.40 9.16
N SER B 71 -16.27 15.48 7.85
CA SER B 71 -16.63 14.42 6.92
C SER B 71 -15.38 13.98 6.16
N ALA B 72 -15.33 12.73 5.75
CA ALA B 72 -14.20 12.23 4.97
C ALA B 72 -14.73 11.34 3.86
N TYR B 73 -14.12 11.46 2.67
CA TYR B 73 -14.52 10.64 1.54
C TYR B 73 -13.37 10.58 0.53
N VAL B 74 -13.41 9.57 -0.32
CA VAL B 74 -12.38 9.42 -1.35
C VAL B 74 -12.61 10.40 -2.50
N ASP B 75 -11.55 11.10 -2.87
CA ASP B 75 -11.56 12.00 -4.02
C ASP B 75 -10.11 12.22 -4.47
N THR B 76 -9.91 12.96 -5.55
CA THR B 76 -8.54 13.23 -6.01
C THR B 76 -7.83 14.25 -5.11
N PHE B 77 -6.52 14.11 -5.01
CA PHE B 77 -5.67 14.99 -4.21
C PHE B 77 -5.78 16.45 -4.66
N GLY B 78 -6.02 16.67 -5.95
CA GLY B 78 -6.15 18.01 -6.49
C GLY B 78 -7.48 18.68 -6.21
N SER B 79 -8.47 17.91 -5.77
CA SER B 79 -9.79 18.47 -5.49
C SER B 79 -9.73 19.50 -4.36
N ARG B 80 -10.54 20.54 -4.46
CA ARG B 80 -10.58 21.59 -3.45
C ARG B 80 -12.01 21.87 -3.01
N PRO B 81 -12.59 20.94 -2.23
CA PRO B 81 -13.95 21.10 -1.74
C PRO B 81 -14.06 22.23 -0.74
N ARG B 82 -15.28 22.73 -0.57
CA ARG B 82 -15.61 23.69 0.49
C ARG B 82 -15.08 23.21 1.84
N ASN B 83 -14.40 24.11 2.55
CA ASN B 83 -13.97 23.86 3.92
C ASN B 83 -13.04 22.65 4.05
N ILE B 84 -12.19 22.47 3.03
CA ILE B 84 -11.21 21.39 3.11
C ILE B 84 -10.36 21.55 4.38
N CYS B 85 -10.17 20.44 5.09
CA CYS B 85 -9.28 20.40 6.24
C CYS B 85 -7.92 19.83 5.91
N GLY B 86 -7.91 18.87 4.98
CA GLY B 86 -6.70 18.15 4.63
C GLY B 86 -7.05 16.77 4.15
N TRP B 87 -6.14 15.84 4.38
CA TRP B 87 -6.26 14.49 3.84
C TRP B 87 -5.79 13.46 4.84
N LEU B 88 -6.30 12.24 4.68
CA LEU B 88 -5.63 11.08 5.28
C LEU B 88 -4.81 10.45 4.18
N LEU B 89 -3.50 10.41 4.38
CA LEU B 89 -2.56 9.91 3.38
C LEU B 89 -1.80 8.70 3.89
N PHE B 90 -1.54 7.75 3.02
CA PHE B 90 -0.66 6.64 3.37
C PHE B 90 0.79 7.14 3.40
N SER B 91 1.34 7.19 4.61
CA SER B 91 2.65 7.79 4.86
C SER B 91 3.22 7.24 6.15
N ASN B 92 4.54 7.17 6.25
CA ASN B 92 5.23 6.75 7.48
C ASN B 92 5.92 7.90 8.20
N CYS B 93 5.56 9.15 7.89
CA CYS B 93 6.24 10.30 8.48
C CYS B 93 6.04 10.38 9.99
N ASN B 94 6.87 11.16 10.65
CA ASN B 94 6.70 11.40 12.08
C ASN B 94 5.37 12.08 12.38
N TYR B 95 4.88 11.91 13.59
CA TYR B 95 3.53 12.32 13.93
C TYR B 95 3.34 12.60 15.40
N PHE B 96 2.24 13.27 15.72
CA PHE B 96 1.70 13.22 17.08
C PHE B 96 0.24 12.78 16.95
N LEU B 97 -0.36 12.33 18.06
CA LEU B 97 -1.70 11.77 18.03
C LEU B 97 -2.79 12.70 18.54
N GLU B 98 -3.91 12.73 17.83
CA GLU B 98 -5.09 13.47 18.23
C GLU B 98 -6.30 12.66 17.85
N GLU B 99 -7.38 12.83 18.58
CA GLU B 99 -8.62 12.15 18.24
C GLU B 99 -9.56 13.10 17.49
N LEU B 100 -10.12 12.60 16.39
CA LEU B 100 -11.12 13.35 15.62
C LEU B 100 -12.40 12.55 15.53
N GLU B 101 -13.51 13.27 15.61
CA GLU B 101 -14.81 12.72 15.27
C GLU B 101 -14.96 12.87 13.77
N LEU B 102 -15.08 11.76 13.06
CA LEU B 102 -15.08 11.75 11.59
C LEU B 102 -16.20 10.89 11.04
N THR B 103 -17.03 11.45 10.17
CA THR B 103 -17.97 10.63 9.40
C THR B 103 -17.35 10.26 8.07
N PHE B 104 -17.19 8.97 7.82
CA PHE B 104 -16.71 8.48 6.53
C PHE B 104 -17.87 8.16 5.62
N GLY B 105 -17.81 8.62 4.38
CA GLY B 105 -18.87 8.33 3.44
C GLY B 105 -18.39 8.41 2.02
N ARG B 106 -19.33 8.50 1.10
CA ARG B 106 -19.05 8.53 -0.32
C ARG B 106 -19.65 9.79 -0.95
N ARG B 107 -18.89 10.44 -1.82
CA ARG B 107 -19.35 11.63 -2.54
C ARG B 107 -19.18 11.50 -4.04
N GLY B 108 -18.20 10.75 -4.50
CA GLY B 108 -17.84 10.77 -5.92
C GLY B 108 -18.81 10.10 -6.86
N GLY B 109 -18.87 10.60 -8.10
CA GLY B 109 -19.55 9.90 -9.17
C GLY B 109 -21.06 9.82 -9.07
N LEU B 110 -21.68 10.85 -8.48
CA LEU B 110 -23.14 10.89 -8.36
C LEU B 110 -23.78 11.88 -9.34
N GLU B 111 -22.98 12.64 -10.07
CA GLU B 111 -23.52 13.66 -10.97
C GLU B 111 -23.08 13.44 -12.42
N HIS B 112 -24.04 13.30 -13.32
CA HIS B 112 -23.73 13.19 -14.76
C HIS B 112 -23.54 14.55 -15.41
N HIS B 113 -24.25 15.55 -14.92
CA HIS B 113 -24.21 16.89 -15.49
C HIS B 113 -23.30 17.79 -14.66
N HIS B 114 -22.88 18.91 -15.24
CA HIS B 114 -22.06 19.86 -14.50
C HIS B 114 -22.91 20.90 -13.79
N HIS B 115 -22.50 21.27 -12.58
CA HIS B 115 -23.24 22.21 -11.76
C HIS B 115 -22.33 23.16 -11.01
N HIS B 116 -22.82 24.37 -10.78
CA HIS B 116 -22.21 25.24 -9.79
C HIS B 116 -22.77 24.88 -8.42
N HIS B 117 -21.90 24.45 -7.52
CA HIS B 117 -22.34 24.07 -6.19
C HIS B 117 -22.25 25.26 -5.23
N HIS B 118 -23.36 25.53 -4.55
CA HIS B 118 -23.43 26.62 -3.60
C HIS B 118 -23.00 26.18 -2.22
#